data_6F2O
#
_entry.id   6F2O
#
_cell.length_a   254.015
_cell.length_b   254.015
_cell.length_c   254.015
_cell.angle_alpha   90.00
_cell.angle_beta   90.00
_cell.angle_gamma   90.00
#
_symmetry.space_group_name_H-M   'F 41 3 2'
#
_entity_poly.entity_id   1
_entity_poly.type   'polypeptide(L)'
_entity_poly.pdbx_seq_one_letter_code
;MPLLLLLPLLWAGALAMDKLEFQICPKRCVCQILSPNLATLCAKKGLLFVPPNIDRRTVELRLADNFVTNIKRKDFANMT
SLVDLTLSRNTISFITPHAFADLRNLRALHLNSNRLTKITNDMFSGLSNLHHLILNNNQLTLISSTAFDDVFALEELDLS
YNNLETIPWDAVEKMVSLHTLSLDHNMIDNIPKGTFSHLHKMTRLDVTSNKLQKLPPDPLFQRAQVLATSGIISPSTFAL
SFGGNPLHCNCELLWLRRLSREDDLETCASPALLTGRYFWSIPEEEFLCEPPLITRHTHEMRVLEGQRATLRCKARGDPE
PAIHWISPEGKLISNATRSLVYDNGTLDILITTVKDTGAFTCIASNPAGEATQTVDLHIIKGSEVLFQ
;
_entity_poly.pdbx_strand_id   A
#
# COMPACT_ATOMS: atom_id res chain seq x y z
N PHE A 22 -6.92 -32.10 -34.10
CA PHE A 22 -6.07 -32.78 -33.10
C PHE A 22 -4.80 -31.98 -32.68
N GLN A 23 -4.40 -30.99 -33.47
CA GLN A 23 -3.18 -30.22 -33.21
C GLN A 23 -3.44 -28.89 -32.51
N ILE A 24 -4.59 -28.24 -32.84
CA ILE A 24 -4.94 -26.93 -32.27
C ILE A 24 -5.37 -27.04 -30.80
N CYS A 25 -5.89 -28.21 -30.38
CA CYS A 25 -6.31 -28.45 -29.00
C CYS A 25 -5.48 -29.53 -28.27
N PRO A 26 -4.99 -29.23 -27.05
CA PRO A 26 -4.31 -30.25 -26.26
C PRO A 26 -5.31 -31.35 -25.86
N LYS A 27 -4.85 -32.62 -25.80
CA LYS A 27 -5.70 -33.78 -25.50
C LYS A 27 -6.49 -33.66 -24.17
N ARG A 28 -5.93 -32.96 -23.18
CA ARG A 28 -6.62 -32.74 -21.92
C ARG A 28 -7.69 -31.64 -22.03
N CYS A 29 -7.58 -30.73 -23.04
CA CYS A 29 -8.48 -29.60 -23.20
C CYS A 29 -9.56 -29.75 -24.26
N VAL A 30 -10.64 -29.01 -24.02
CA VAL A 30 -11.81 -28.80 -24.86
C VAL A 30 -11.62 -27.39 -25.41
N CYS A 31 -11.94 -27.14 -26.69
CA CYS A 31 -11.83 -25.80 -27.24
C CYS A 31 -12.69 -25.60 -28.48
N GLN A 32 -13.27 -24.41 -28.59
CA GLN A 32 -14.18 -24.06 -29.67
C GLN A 32 -13.68 -22.89 -30.52
N ILE A 33 -14.07 -22.93 -31.79
CA ILE A 33 -13.72 -21.90 -32.77
C ILE A 33 -15.00 -21.28 -33.28
N LEU A 34 -15.02 -19.95 -33.28
CA LEU A 34 -16.09 -19.15 -33.82
C LEU A 34 -15.44 -18.06 -34.61
N SER A 35 -15.70 -18.08 -35.92
CA SER A 35 -15.22 -17.10 -36.91
C SER A 35 -13.69 -16.97 -36.78
N PRO A 36 -13.10 -15.82 -36.37
CA PRO A 36 -11.63 -15.76 -36.17
C PRO A 36 -11.15 -16.30 -34.81
N ASN A 37 -11.96 -16.12 -33.74
CA ASN A 37 -11.64 -16.45 -32.36
C ASN A 37 -11.65 -17.91 -32.03
N LEU A 38 -10.60 -18.31 -31.30
CA LEU A 38 -10.35 -19.66 -30.78
C LEU A 38 -10.14 -19.56 -29.27
N ALA A 39 -10.94 -20.30 -28.51
CA ALA A 39 -10.86 -20.39 -27.05
C ALA A 39 -10.27 -21.75 -26.72
N THR A 40 -9.52 -21.86 -25.60
CA THR A 40 -8.94 -23.09 -25.07
C THR A 40 -9.41 -23.21 -23.62
N LEU A 41 -10.17 -24.26 -23.33
CA LEU A 41 -10.78 -24.52 -22.02
C LEU A 41 -10.19 -25.75 -21.33
N CYS A 42 -9.43 -25.50 -20.25
CA CYS A 42 -8.70 -26.51 -19.50
C CYS A 42 -9.02 -26.53 -18.00
N ALA A 43 -10.02 -25.74 -17.59
CA ALA A 43 -10.43 -25.64 -16.20
C ALA A 43 -10.84 -27.00 -15.65
N LYS A 44 -10.51 -27.27 -14.37
CA LYS A 44 -10.85 -28.52 -13.67
C LYS A 44 -10.41 -29.75 -14.44
N LYS A 45 -9.10 -29.85 -14.73
CA LYS A 45 -8.48 -30.96 -15.47
C LYS A 45 -7.38 -31.68 -14.65
N GLY A 46 -7.15 -31.25 -13.41
CA GLY A 46 -6.17 -31.85 -12.52
C GLY A 46 -4.73 -31.73 -12.98
N LEU A 47 -4.48 -30.73 -13.87
CA LEU A 47 -3.20 -30.35 -14.48
C LEU A 47 -2.19 -29.90 -13.44
N LEU A 48 -0.91 -30.23 -13.65
CA LEU A 48 0.16 -29.84 -12.72
C LEU A 48 1.04 -28.72 -13.30
N PHE A 49 0.96 -28.53 -14.60
CA PHE A 49 1.67 -27.51 -15.34
C PHE A 49 0.88 -27.05 -16.60
N VAL A 50 1.33 -25.98 -17.25
CA VAL A 50 0.62 -25.45 -18.42
C VAL A 50 0.93 -26.31 -19.66
N PRO A 51 -0.10 -26.91 -20.32
CA PRO A 51 0.16 -27.70 -21.52
C PRO A 51 0.88 -26.89 -22.60
N PRO A 52 1.99 -27.40 -23.16
CA PRO A 52 2.73 -26.60 -24.16
C PRO A 52 2.09 -26.58 -25.54
N ASN A 53 1.20 -27.57 -25.83
CA ASN A 53 0.53 -27.71 -27.12
C ASN A 53 -0.62 -26.69 -27.33
N ILE A 54 -0.77 -25.68 -26.42
CA ILE A 54 -1.78 -24.62 -26.56
C ILE A 54 -1.50 -23.78 -27.81
N ASP A 55 -2.46 -23.71 -28.77
CA ASP A 55 -2.31 -22.96 -30.02
C ASP A 55 -2.12 -21.48 -29.74
N ARG A 56 -1.05 -20.88 -30.29
CA ARG A 56 -0.68 -19.47 -30.07
C ARG A 56 -1.69 -18.45 -30.63
N ARG A 57 -2.77 -18.94 -31.28
CA ARG A 57 -3.87 -18.14 -31.83
C ARG A 57 -4.99 -17.94 -30.82
N THR A 58 -4.95 -18.69 -29.68
CA THR A 58 -5.98 -18.66 -28.64
C THR A 58 -6.18 -17.21 -28.14
N VAL A 59 -7.46 -16.82 -28.06
CA VAL A 59 -7.98 -15.51 -27.65
C VAL A 59 -8.43 -15.61 -26.17
N GLU A 60 -8.95 -16.79 -25.77
CA GLU A 60 -9.43 -17.08 -24.42
C GLU A 60 -8.76 -18.33 -23.92
N LEU A 61 -8.22 -18.29 -22.69
CA LEU A 61 -7.56 -19.43 -22.03
C LEU A 61 -8.14 -19.56 -20.63
N ARG A 62 -8.71 -20.74 -20.32
CA ARG A 62 -9.28 -21.02 -19.00
C ARG A 62 -8.47 -22.13 -18.42
N LEU A 63 -7.73 -21.85 -17.34
CA LEU A 63 -6.88 -22.85 -16.69
C LEU A 63 -7.18 -22.93 -15.18
N ALA A 64 -8.29 -22.27 -14.74
CA ALA A 64 -8.76 -22.24 -13.36
C ALA A 64 -9.05 -23.64 -12.85
N ASP A 65 -9.14 -23.83 -11.53
CA ASP A 65 -9.47 -25.12 -10.94
C ASP A 65 -8.49 -26.22 -11.36
N ASN A 66 -7.22 -25.92 -11.30
CA ASN A 66 -6.18 -26.88 -11.67
C ASN A 66 -5.16 -26.89 -10.55
N PHE A 67 -3.99 -27.48 -10.76
CA PHE A 67 -2.99 -27.52 -9.69
C PHE A 67 -1.59 -27.01 -10.07
N VAL A 68 -1.48 -26.02 -10.98
CA VAL A 68 -0.18 -25.48 -11.44
C VAL A 68 0.49 -24.70 -10.31
N THR A 69 1.79 -24.95 -10.11
CA THR A 69 2.62 -24.30 -9.10
C THR A 69 3.56 -23.27 -9.77
N ASN A 70 4.18 -23.62 -10.91
CA ASN A 70 5.11 -22.72 -11.58
C ASN A 70 4.75 -22.38 -13.03
N ILE A 71 4.86 -21.07 -13.35
CA ILE A 71 4.63 -20.57 -14.71
C ILE A 71 6.01 -20.38 -15.36
N LYS A 72 6.37 -21.29 -16.28
CA LYS A 72 7.60 -21.23 -17.07
C LYS A 72 7.48 -20.07 -18.08
N ARG A 73 8.59 -19.62 -18.69
CA ARG A 73 8.50 -18.56 -19.71
C ARG A 73 7.69 -19.08 -20.91
N LYS A 74 8.17 -20.18 -21.52
CA LYS A 74 7.63 -20.91 -22.67
C LYS A 74 6.10 -21.20 -22.64
N ASP A 75 5.43 -21.05 -21.48
CA ASP A 75 4.00 -21.35 -21.32
C ASP A 75 3.10 -20.46 -22.18
N PHE A 76 3.37 -19.15 -22.21
CA PHE A 76 2.62 -18.14 -22.95
C PHE A 76 3.54 -17.32 -23.86
N ALA A 77 4.49 -17.99 -24.55
CA ALA A 77 5.50 -17.39 -25.41
C ALA A 77 4.95 -16.50 -26.53
N ASN A 78 3.97 -16.96 -27.29
CA ASN A 78 3.50 -16.14 -28.42
C ASN A 78 1.99 -15.95 -28.47
N MET A 79 1.37 -15.72 -27.31
CA MET A 79 -0.06 -15.52 -27.21
C MET A 79 -0.41 -14.06 -27.53
N THR A 80 -0.10 -13.62 -28.77
CA THR A 80 -0.35 -12.26 -29.28
C THR A 80 -1.85 -11.96 -29.21
N SER A 81 -2.69 -12.91 -29.66
CA SER A 81 -4.16 -12.86 -29.70
C SER A 81 -4.84 -12.99 -28.31
N LEU A 82 -4.16 -13.58 -27.32
CA LEU A 82 -4.71 -13.74 -25.96
C LEU A 82 -5.17 -12.42 -25.34
N VAL A 83 -6.46 -12.39 -24.96
CA VAL A 83 -7.18 -11.27 -24.36
C VAL A 83 -7.49 -11.54 -22.87
N ASP A 84 -8.03 -12.74 -22.55
CA ASP A 84 -8.37 -13.14 -21.18
C ASP A 84 -7.63 -14.43 -20.78
N LEU A 85 -7.05 -14.45 -19.55
CA LEU A 85 -6.31 -15.58 -18.98
C LEU A 85 -6.86 -15.88 -17.59
N THR A 86 -7.13 -17.17 -17.31
CA THR A 86 -7.61 -17.60 -16.01
C THR A 86 -6.61 -18.58 -15.40
N LEU A 87 -6.12 -18.25 -14.21
CA LEU A 87 -5.19 -19.08 -13.47
C LEU A 87 -5.71 -19.08 -12.00
N SER A 88 -7.02 -18.82 -11.85
CA SER A 88 -7.74 -18.78 -10.57
C SER A 88 -7.69 -20.15 -9.95
N ARG A 89 -7.77 -20.21 -8.62
CA ARG A 89 -7.79 -21.46 -7.88
C ARG A 89 -6.72 -22.41 -8.36
N ASN A 90 -5.46 -22.06 -8.13
CA ASN A 90 -4.30 -22.88 -8.47
C ASN A 90 -3.38 -22.89 -7.28
N THR A 91 -2.26 -23.61 -7.38
CA THR A 91 -1.29 -23.71 -6.30
C THR A 91 -0.05 -22.86 -6.64
N ILE A 92 -0.16 -21.88 -7.59
CA ILE A 92 0.98 -21.05 -8.06
C ILE A 92 1.75 -20.39 -6.92
N SER A 93 3.07 -20.65 -6.84
CA SER A 93 3.98 -20.04 -5.85
C SER A 93 5.03 -19.16 -6.54
N PHE A 94 5.29 -19.46 -7.85
CA PHE A 94 6.31 -18.82 -8.68
C PHE A 94 5.89 -18.66 -10.15
N ILE A 95 6.25 -17.51 -10.74
CA ILE A 95 6.02 -17.14 -12.14
C ILE A 95 7.34 -16.60 -12.66
N THR A 96 7.93 -17.27 -13.68
CA THR A 96 9.20 -16.89 -14.32
C THR A 96 9.22 -15.38 -14.67
N PRO A 97 10.31 -14.66 -14.34
CA PRO A 97 10.38 -13.19 -14.54
C PRO A 97 9.70 -12.55 -15.77
N HIS A 98 9.74 -13.14 -16.97
CA HIS A 98 9.08 -12.45 -18.08
C HIS A 98 8.01 -13.30 -18.77
N ALA A 99 7.29 -14.14 -18.01
CA ALA A 99 6.26 -15.05 -18.51
C ALA A 99 5.12 -14.40 -19.31
N PHE A 100 4.71 -13.18 -18.90
CA PHE A 100 3.62 -12.43 -19.52
C PHE A 100 4.06 -11.34 -20.52
N ALA A 101 5.37 -11.20 -20.78
CA ALA A 101 5.99 -10.20 -21.67
C ALA A 101 5.40 -10.12 -23.09
N ASP A 102 5.09 -11.27 -23.72
CA ASP A 102 4.58 -11.32 -25.08
C ASP A 102 3.05 -11.10 -25.22
N LEU A 103 2.34 -10.98 -24.08
CA LEU A 103 0.87 -10.78 -24.05
C LEU A 103 0.53 -9.28 -24.20
N ARG A 104 0.76 -8.72 -25.40
CA ARG A 104 0.53 -7.29 -25.71
C ARG A 104 -0.96 -6.90 -25.76
N ASN A 105 -1.86 -7.91 -25.90
CA ASN A 105 -3.32 -7.81 -26.01
C ASN A 105 -4.09 -8.20 -24.75
N LEU A 106 -3.43 -8.81 -23.74
CA LEU A 106 -4.11 -9.23 -22.51
C LEU A 106 -4.85 -8.04 -21.86
N ARG A 107 -6.18 -8.16 -21.69
CA ARG A 107 -7.10 -7.16 -21.13
C ARG A 107 -7.41 -7.47 -19.67
N ALA A 108 -7.41 -8.78 -19.29
CA ALA A 108 -7.70 -9.27 -17.95
C ALA A 108 -6.88 -10.50 -17.61
N LEU A 109 -6.36 -10.56 -16.38
CA LEU A 109 -5.52 -11.65 -15.89
C LEU A 109 -5.96 -12.02 -14.48
N HIS A 110 -6.36 -13.31 -14.27
CA HIS A 110 -6.87 -13.83 -13.00
C HIS A 110 -5.85 -14.73 -12.35
N LEU A 111 -5.35 -14.26 -11.19
CA LEU A 111 -4.32 -14.94 -10.39
C LEU A 111 -4.74 -15.08 -8.93
N ASN A 112 -6.03 -14.90 -8.68
CA ASN A 112 -6.72 -15.07 -7.40
C ASN A 112 -6.63 -16.49 -6.95
N SER A 113 -6.72 -16.74 -5.61
CA SER A 113 -6.74 -18.05 -4.98
C SER A 113 -5.54 -18.86 -5.42
N ASN A 114 -4.35 -18.40 -5.04
CA ASN A 114 -3.11 -19.06 -5.41
C ASN A 114 -2.23 -18.94 -4.20
N ARG A 115 -0.95 -19.30 -4.33
CA ARG A 115 0.00 -19.29 -3.23
C ARG A 115 1.21 -18.34 -3.50
N LEU A 116 0.98 -17.23 -4.24
CA LEU A 116 2.04 -16.22 -4.51
C LEU A 116 2.27 -15.42 -3.24
N THR A 117 3.55 -15.14 -2.89
CA THR A 117 3.96 -14.38 -1.70
C THR A 117 4.43 -12.96 -1.97
N LYS A 118 4.84 -12.67 -3.21
CA LYS A 118 5.43 -11.39 -3.60
C LYS A 118 5.20 -11.14 -5.07
N ILE A 119 4.89 -9.88 -5.42
CA ILE A 119 4.79 -9.44 -6.80
C ILE A 119 6.16 -8.87 -7.19
N THR A 120 6.84 -9.51 -8.13
CA THR A 120 8.17 -9.08 -8.53
C THR A 120 8.11 -7.95 -9.60
N ASN A 121 9.25 -7.26 -9.77
CA ASN A 121 9.47 -6.12 -10.66
C ASN A 121 9.13 -6.41 -12.11
N ASP A 122 9.52 -7.59 -12.61
CA ASP A 122 9.33 -7.99 -14.00
C ASP A 122 8.12 -8.91 -14.22
N MET A 123 7.35 -9.19 -13.14
CA MET A 123 6.18 -10.10 -13.19
C MET A 123 5.14 -9.69 -14.21
N PHE A 124 4.63 -8.44 -14.11
CA PHE A 124 3.61 -7.93 -15.04
C PHE A 124 4.16 -6.99 -16.13
N SER A 125 5.34 -7.30 -16.67
CA SER A 125 5.98 -6.51 -17.72
C SER A 125 5.29 -6.69 -19.05
N GLY A 126 5.10 -5.58 -19.74
CA GLY A 126 4.50 -5.51 -21.07
C GLY A 126 2.99 -5.63 -21.15
N LEU A 127 2.29 -5.55 -20.01
CA LEU A 127 0.83 -5.65 -19.94
C LEU A 127 0.17 -4.25 -20.05
N SER A 128 0.44 -3.60 -21.18
CA SER A 128 -0.03 -2.25 -21.52
C SER A 128 -1.54 -2.19 -21.65
N ASN A 129 -2.16 -3.23 -22.22
CA ASN A 129 -3.61 -3.30 -22.43
C ASN A 129 -4.38 -3.86 -21.25
N LEU A 130 -3.68 -4.36 -20.21
CA LEU A 130 -4.31 -4.94 -19.03
C LEU A 130 -5.14 -3.91 -18.28
N HIS A 131 -6.46 -4.18 -18.18
CA HIS A 131 -7.46 -3.36 -17.51
C HIS A 131 -7.91 -4.02 -16.23
N HIS A 132 -7.76 -5.34 -16.11
CA HIS A 132 -8.18 -6.08 -14.93
C HIS A 132 -7.07 -6.96 -14.38
N LEU A 133 -6.62 -6.66 -13.15
CA LEU A 133 -5.61 -7.44 -12.43
C LEU A 133 -6.24 -7.89 -11.14
N ILE A 134 -6.44 -9.21 -11.04
CA ILE A 134 -7.09 -9.87 -9.92
C ILE A 134 -6.07 -10.72 -9.24
N LEU A 135 -5.70 -10.36 -7.99
CA LEU A 135 -4.74 -11.11 -7.18
C LEU A 135 -5.30 -11.39 -5.76
N ASN A 136 -6.64 -11.36 -5.58
CA ASN A 136 -7.25 -11.63 -4.28
C ASN A 136 -6.93 -13.03 -3.83
N ASN A 137 -7.07 -13.32 -2.53
CA ASN A 137 -6.81 -14.64 -1.95
C ASN A 137 -5.46 -15.22 -2.36
N ASN A 138 -4.39 -14.52 -2.05
CA ASN A 138 -3.01 -14.94 -2.31
C ASN A 138 -2.25 -14.69 -1.05
N GLN A 139 -1.13 -15.37 -0.81
CA GLN A 139 -0.51 -14.98 0.46
C GLN A 139 0.52 -13.84 0.22
N LEU A 140 0.11 -12.67 -0.33
CA LEU A 140 1.05 -11.56 -0.67
C LEU A 140 1.56 -10.76 0.51
N THR A 141 2.90 -10.62 0.66
CA THR A 141 3.49 -9.83 1.74
C THR A 141 4.03 -8.51 1.17
N LEU A 142 4.86 -8.61 0.10
CA LEU A 142 5.52 -7.48 -0.54
C LEU A 142 5.20 -7.38 -2.02
N ILE A 143 5.42 -6.19 -2.54
CA ILE A 143 5.32 -5.83 -3.96
C ILE A 143 6.56 -4.98 -4.26
N SER A 144 7.33 -5.38 -5.28
CA SER A 144 8.46 -4.59 -5.74
C SER A 144 7.86 -3.34 -6.43
N SER A 145 8.33 -2.13 -6.04
CA SER A 145 7.87 -0.79 -6.46
C SER A 145 7.58 -0.58 -7.94
N THR A 146 8.45 -1.13 -8.82
CA THR A 146 8.32 -1.02 -10.28
C THR A 146 7.27 -2.01 -10.88
N ALA A 147 6.81 -3.00 -10.09
CA ALA A 147 5.87 -4.05 -10.49
C ALA A 147 4.65 -3.54 -11.25
N PHE A 148 4.09 -2.38 -10.84
CA PHE A 148 2.91 -1.80 -11.48
C PHE A 148 3.20 -0.67 -12.51
N ASP A 149 4.48 -0.50 -12.89
CA ASP A 149 4.90 0.52 -13.86
C ASP A 149 4.39 0.28 -15.28
N ASP A 150 4.28 -1.00 -15.71
CA ASP A 150 3.80 -1.36 -17.06
C ASP A 150 2.27 -1.55 -17.20
N VAL A 151 1.53 -1.68 -16.08
CA VAL A 151 0.08 -1.90 -16.09
C VAL A 151 -0.77 -0.59 -15.87
N PHE A 152 -0.18 0.58 -16.21
CA PHE A 152 -0.77 1.93 -16.11
C PHE A 152 -2.22 2.09 -16.65
N ALA A 153 -2.68 1.15 -17.50
CA ALA A 153 -4.01 1.15 -18.12
C ALA A 153 -5.13 0.61 -17.23
N LEU A 154 -4.77 -0.15 -16.18
CA LEU A 154 -5.69 -0.80 -15.23
C LEU A 154 -6.92 0.01 -14.86
N GLU A 155 -8.06 -0.67 -14.87
CA GLU A 155 -9.40 -0.20 -14.49
C GLU A 155 -9.75 -0.83 -13.13
N GLU A 156 -9.37 -2.10 -12.95
CA GLU A 156 -9.63 -2.87 -11.74
C GLU A 156 -8.35 -3.46 -11.16
N LEU A 157 -8.09 -3.16 -9.88
CA LEU A 157 -6.96 -3.71 -9.13
C LEU A 157 -7.47 -4.35 -7.83
N ASP A 158 -7.47 -5.71 -7.81
CA ASP A 158 -7.93 -6.53 -6.69
C ASP A 158 -6.76 -7.14 -5.94
N LEU A 159 -6.48 -6.57 -4.78
CA LEU A 159 -5.38 -7.06 -3.93
C LEU A 159 -5.90 -7.57 -2.56
N SER A 160 -7.23 -7.78 -2.46
CA SER A 160 -7.90 -8.24 -1.26
C SER A 160 -7.41 -9.60 -0.84
N TYR A 161 -7.61 -9.92 0.44
CA TYR A 161 -7.21 -11.19 1.04
C TYR A 161 -5.76 -11.53 0.81
N ASN A 162 -4.86 -10.67 1.31
CA ASN A 162 -3.41 -10.76 1.24
C ASN A 162 -2.87 -10.28 2.61
N ASN A 163 -1.56 -10.40 2.83
CA ASN A 163 -0.87 -9.95 4.04
C ASN A 163 -0.13 -8.58 3.86
N LEU A 164 -0.52 -7.78 2.84
CA LEU A 164 0.12 -6.49 2.50
C LEU A 164 0.04 -5.42 3.56
N GLU A 165 1.14 -4.67 3.77
CA GLU A 165 1.25 -3.52 4.70
C GLU A 165 1.26 -2.24 3.84
N THR A 166 1.71 -2.37 2.58
CA THR A 166 1.81 -1.28 1.59
C THR A 166 1.89 -1.85 0.16
N ILE A 167 1.46 -1.01 -0.81
CA ILE A 167 1.46 -1.25 -2.25
C ILE A 167 2.23 -0.08 -2.91
N PRO A 168 2.75 -0.16 -4.17
CA PRO A 168 3.43 1.01 -4.76
C PRO A 168 2.42 2.10 -5.13
N TRP A 169 2.14 2.97 -4.14
CA TRP A 169 1.17 4.07 -4.17
C TRP A 169 1.44 5.02 -5.31
N ASP A 170 2.73 5.35 -5.55
CA ASP A 170 3.19 6.23 -6.62
C ASP A 170 2.81 5.68 -8.01
N ALA A 171 3.05 4.36 -8.24
CA ALA A 171 2.72 3.64 -9.49
C ALA A 171 1.20 3.63 -9.76
N VAL A 172 0.40 3.61 -8.68
CA VAL A 172 -1.06 3.63 -8.69
C VAL A 172 -1.58 4.99 -9.17
N GLU A 173 -0.99 6.10 -8.67
CA GLU A 173 -1.37 7.47 -9.03
C GLU A 173 -1.39 7.69 -10.56
N LYS A 174 -0.74 6.78 -11.30
CA LYS A 174 -0.61 6.82 -12.76
C LYS A 174 -1.63 5.90 -13.46
N MET A 175 -2.56 5.31 -12.71
CA MET A 175 -3.66 4.51 -13.22
C MET A 175 -4.77 5.54 -13.15
N VAL A 176 -4.95 6.24 -14.28
CA VAL A 176 -5.88 7.35 -14.45
C VAL A 176 -7.25 6.91 -14.96
N SER A 177 -7.36 5.64 -15.38
CA SER A 177 -8.60 5.04 -15.84
C SER A 177 -9.14 4.07 -14.78
N LEU A 178 -8.42 3.95 -13.64
CA LEU A 178 -8.75 3.10 -12.51
C LEU A 178 -10.06 3.53 -11.88
N HIS A 179 -10.97 2.56 -11.67
CA HIS A 179 -12.27 2.78 -11.06
C HIS A 179 -12.48 1.96 -9.79
N THR A 180 -11.79 0.83 -9.67
CA THR A 180 -11.87 0.01 -8.47
C THR A 180 -10.51 -0.41 -8.00
N LEU A 181 -10.21 -0.10 -6.75
CA LEU A 181 -9.00 -0.50 -6.05
C LEU A 181 -9.47 -1.14 -4.73
N SER A 182 -9.47 -2.50 -4.69
CA SER A 182 -9.88 -3.33 -3.55
C SER A 182 -8.64 -3.70 -2.75
N LEU A 183 -8.58 -3.25 -1.48
CA LEU A 183 -7.45 -3.50 -0.56
C LEU A 183 -7.87 -4.12 0.79
N ASP A 184 -9.16 -4.44 0.90
CA ASP A 184 -9.81 -5.14 2.00
C ASP A 184 -9.05 -6.39 2.45
N HIS A 185 -9.12 -6.69 3.76
CA HIS A 185 -8.55 -7.89 4.37
C HIS A 185 -7.07 -8.08 4.13
N ASN A 186 -6.25 -7.08 4.50
CA ASN A 186 -4.79 -7.03 4.39
C ASN A 186 -4.33 -6.32 5.67
N MET A 187 -3.09 -5.79 5.74
CA MET A 187 -2.64 -5.09 6.96
C MET A 187 -2.11 -3.66 6.75
N ILE A 188 -2.70 -2.92 5.81
CA ILE A 188 -2.28 -1.57 5.44
C ILE A 188 -2.30 -0.61 6.65
N ASP A 189 -1.13 0.01 6.93
CA ASP A 189 -0.86 0.92 8.05
C ASP A 189 -1.36 2.31 7.77
N ASN A 190 -1.21 2.77 6.52
CA ASN A 190 -1.57 4.10 6.07
C ASN A 190 -1.64 4.23 4.54
N ILE A 191 -2.31 5.31 4.09
CA ILE A 191 -2.46 5.71 2.69
C ILE A 191 -1.82 7.09 2.59
N PRO A 192 -0.81 7.29 1.69
CA PRO A 192 -0.19 8.61 1.51
C PRO A 192 -1.23 9.67 1.18
N LYS A 193 -1.02 10.94 1.61
CA LYS A 193 -1.95 12.09 1.49
C LYS A 193 -2.22 12.54 0.03
N GLY A 194 -1.26 12.35 -0.89
CA GLY A 194 -1.43 12.68 -2.31
C GLY A 194 -2.60 11.90 -2.89
N THR A 195 -2.55 10.57 -2.68
CA THR A 195 -3.52 9.51 -2.96
C THR A 195 -4.00 9.49 -4.42
N PHE A 196 -5.31 9.67 -4.61
CA PHE A 196 -6.01 9.52 -5.88
C PHE A 196 -6.41 10.84 -6.59
N SER A 197 -5.67 11.95 -6.36
CA SER A 197 -5.88 13.27 -6.99
C SER A 197 -5.92 13.16 -8.52
N HIS A 198 -4.91 12.45 -9.10
CA HIS A 198 -4.77 12.17 -10.54
C HIS A 198 -5.83 11.18 -11.09
N LEU A 199 -6.26 10.18 -10.27
CA LEU A 199 -7.30 9.23 -10.68
C LEU A 199 -8.70 9.87 -10.55
N HIS A 200 -9.20 10.43 -11.67
CA HIS A 200 -10.50 11.12 -11.74
C HIS A 200 -11.69 10.17 -12.02
N LYS A 201 -11.45 9.02 -12.72
CA LYS A 201 -12.47 8.02 -13.06
C LYS A 201 -12.78 7.03 -11.92
N MET A 202 -12.05 7.18 -10.78
CA MET A 202 -12.18 6.35 -9.56
C MET A 202 -13.61 6.25 -9.01
N THR A 203 -14.07 5.02 -8.73
CA THR A 203 -15.41 4.73 -8.23
C THR A 203 -15.37 4.14 -6.80
N ARG A 204 -14.70 2.99 -6.61
CA ARG A 204 -14.64 2.29 -5.32
C ARG A 204 -13.26 2.09 -4.73
N LEU A 205 -13.16 2.30 -3.42
CA LEU A 205 -11.97 2.06 -2.61
C LEU A 205 -12.41 1.32 -1.36
N ASP A 206 -11.85 0.13 -1.22
CA ASP A 206 -12.12 -0.78 -0.14
C ASP A 206 -10.87 -0.94 0.71
N VAL A 207 -10.93 -0.49 1.97
CA VAL A 207 -9.83 -0.61 2.93
C VAL A 207 -10.36 -1.25 4.24
N THR A 208 -11.47 -2.06 4.15
CA THR A 208 -12.04 -2.78 5.29
C THR A 208 -11.06 -3.86 5.71
N SER A 209 -11.02 -4.11 7.01
CA SER A 209 -10.22 -5.11 7.71
C SER A 209 -8.71 -4.94 7.45
N ASN A 210 -8.15 -3.78 7.79
CA ASN A 210 -6.73 -3.42 7.66
C ASN A 210 -6.30 -2.75 8.97
N LYS A 211 -5.00 -2.81 9.31
CA LYS A 211 -4.51 -2.18 10.53
C LYS A 211 -4.27 -0.64 10.31
N LEU A 212 -5.36 0.13 10.05
CA LEU A 212 -5.36 1.58 9.80
C LEU A 212 -5.85 2.41 11.00
N GLN A 213 -5.03 3.38 11.48
CA GLN A 213 -5.41 4.27 12.59
C GLN A 213 -5.97 5.60 12.10
N LYS A 214 -5.48 6.11 10.97
CA LYS A 214 -5.93 7.39 10.42
C LYS A 214 -6.31 7.18 8.96
N LEU A 215 -6.94 8.19 8.37
CA LEU A 215 -7.28 8.27 6.97
C LEU A 215 -6.91 9.71 6.52
N PRO A 216 -6.23 9.89 5.35
CA PRO A 216 -5.81 11.24 4.96
C PRO A 216 -6.94 12.16 4.50
N PRO A 217 -6.92 13.47 4.89
CA PRO A 217 -7.98 14.40 4.48
C PRO A 217 -7.91 14.72 2.99
N ASP A 218 -8.59 13.89 2.20
CA ASP A 218 -8.63 14.02 0.75
C ASP A 218 -10.02 14.32 0.25
N PRO A 219 -10.18 14.89 -0.98
CA PRO A 219 -11.54 15.26 -1.42
C PRO A 219 -12.43 14.09 -1.86
N LEU A 220 -12.95 13.33 -0.86
CA LEU A 220 -13.88 12.19 -0.95
C LEU A 220 -13.31 10.99 -1.70
N ALA A 239 -17.27 6.32 -3.22
CA ALA A 239 -17.55 5.02 -2.58
C ALA A 239 -16.35 4.45 -1.81
N LEU A 240 -16.23 4.83 -0.53
CA LEU A 240 -15.15 4.40 0.35
C LEU A 240 -15.68 3.55 1.51
N SER A 241 -15.14 2.33 1.65
CA SER A 241 -15.51 1.40 2.72
C SER A 241 -14.26 1.17 3.59
N PHE A 242 -14.39 1.26 4.93
CA PHE A 242 -13.27 1.18 5.87
C PHE A 242 -13.73 0.74 7.28
N GLY A 243 -14.59 -0.27 7.34
CA GLY A 243 -15.19 -0.75 8.59
C GLY A 243 -14.44 -1.70 9.51
N GLY A 244 -13.26 -2.19 9.12
CA GLY A 244 -12.56 -3.12 10.00
C GLY A 244 -11.21 -2.68 10.52
N ASN A 245 -11.06 -1.35 10.76
CA ASN A 245 -9.80 -0.71 11.13
C ASN A 245 -9.69 -0.22 12.59
N PRO A 246 -8.49 -0.35 13.22
CA PRO A 246 -8.32 0.06 14.63
C PRO A 246 -8.10 1.56 14.75
N LEU A 247 -9.15 2.32 14.38
CA LEU A 247 -9.19 3.76 14.31
C LEU A 247 -8.67 4.47 15.52
N HIS A 248 -7.82 5.43 15.27
CA HIS A 248 -7.36 6.25 16.35
C HIS A 248 -8.16 7.49 16.16
N CYS A 249 -9.04 7.76 17.13
CA CYS A 249 -9.94 8.87 17.02
C CYS A 249 -9.47 10.07 17.76
N ASN A 250 -8.85 10.90 16.94
CA ASN A 250 -8.23 12.17 17.29
C ASN A 250 -9.03 13.24 16.61
N CYS A 251 -8.60 14.47 16.85
CA CYS A 251 -9.14 15.65 16.20
C CYS A 251 -8.70 15.61 14.71
N GLU A 252 -7.85 14.61 14.36
CA GLU A 252 -7.28 14.29 13.04
C GLU A 252 -8.29 13.59 12.14
N LEU A 253 -9.13 12.72 12.73
CA LEU A 253 -10.13 11.95 12.00
C LEU A 253 -11.51 12.62 12.09
N LEU A 254 -11.51 13.92 12.40
CA LEU A 254 -12.72 14.73 12.53
C LEU A 254 -13.43 15.01 11.20
N TRP A 255 -12.66 15.19 10.10
CA TRP A 255 -13.18 15.47 8.75
C TRP A 255 -14.14 14.39 8.23
N LEU A 256 -13.89 13.15 8.64
CA LEU A 256 -14.62 11.94 8.28
C LEU A 256 -15.87 11.82 9.16
N ARG A 257 -15.78 12.35 10.38
CA ARG A 257 -16.90 12.36 11.31
C ARG A 257 -17.90 13.44 10.89
N ARG A 258 -17.39 14.63 10.49
CA ARG A 258 -18.15 15.80 10.00
C ARG A 258 -18.95 15.48 8.73
N LEU A 259 -18.44 14.51 7.92
CA LEU A 259 -19.03 14.01 6.68
C LEU A 259 -20.39 13.37 6.96
N SER A 260 -21.26 13.30 5.95
CA SER A 260 -22.57 12.67 6.10
C SER A 260 -22.62 11.39 5.29
N ARG A 261 -22.26 10.27 5.95
CA ARG A 261 -22.20 8.94 5.34
C ARG A 261 -22.82 7.84 6.21
N GLU A 262 -23.12 6.67 5.59
CA GLU A 262 -23.74 5.54 6.27
C GLU A 262 -22.80 4.83 7.25
N ASP A 263 -23.40 4.23 8.30
CA ASP A 263 -22.71 3.49 9.35
C ASP A 263 -22.48 2.06 8.88
N ASP A 264 -21.18 1.69 8.73
CA ASP A 264 -20.71 0.35 8.38
C ASP A 264 -20.05 -0.30 9.60
N LEU A 265 -20.41 0.22 10.78
CA LEU A 265 -20.07 -0.24 12.13
C LEU A 265 -18.63 0.02 12.56
N GLU A 266 -18.04 1.13 12.07
CA GLU A 266 -16.68 1.59 12.35
C GLU A 266 -16.55 1.81 13.85
N THR A 267 -15.43 1.37 14.39
CA THR A 267 -15.18 1.39 15.83
C THR A 267 -13.80 1.96 16.07
N CYS A 268 -13.66 2.57 17.23
CA CYS A 268 -12.50 3.30 17.72
C CYS A 268 -11.61 2.51 18.69
N ALA A 269 -10.34 2.91 18.74
CA ALA A 269 -9.33 2.45 19.67
C ALA A 269 -8.45 3.70 20.29
N SER A 270 -9.09 4.90 20.44
CA SER A 270 -8.47 6.06 21.12
C SER A 270 -8.64 5.98 22.70
N PRO A 271 -7.72 6.56 23.53
CA PRO A 271 -7.86 6.56 25.01
C PRO A 271 -9.21 6.17 25.68
N ALA A 272 -10.18 7.12 25.79
CA ALA A 272 -11.48 6.92 26.44
C ALA A 272 -12.61 6.55 25.46
N LEU A 273 -12.24 6.25 24.21
CA LEU A 273 -13.18 5.89 23.14
C LEU A 273 -12.89 4.49 22.58
N LEU A 274 -12.01 3.72 23.26
CA LEU A 274 -11.52 2.39 22.88
C LEU A 274 -12.60 1.35 22.46
N THR A 275 -13.89 1.63 22.69
CA THR A 275 -14.92 0.66 22.29
C THR A 275 -16.10 1.24 21.50
N GLY A 276 -16.48 2.49 21.77
CA GLY A 276 -17.63 3.17 21.17
C GLY A 276 -17.65 3.17 19.66
N ARG A 277 -18.83 2.94 19.04
CA ARG A 277 -18.98 2.96 17.57
C ARG A 277 -18.65 4.36 17.12
N TYR A 278 -17.76 4.47 16.13
CA TYR A 278 -17.20 5.70 15.57
C TYR A 278 -18.19 6.86 15.41
N PHE A 279 -19.31 6.64 14.70
CA PHE A 279 -20.31 7.67 14.45
C PHE A 279 -21.04 8.06 15.72
N TRP A 280 -20.44 9.02 16.46
CA TRP A 280 -20.84 9.55 17.76
C TRP A 280 -20.46 11.00 18.00
N SER A 281 -20.88 11.50 19.17
CA SER A 281 -20.67 12.86 19.68
C SER A 281 -19.26 13.41 19.47
N ILE A 282 -19.17 14.61 18.87
CA ILE A 282 -17.92 15.33 18.64
C ILE A 282 -17.62 16.29 19.83
N PRO A 283 -16.68 15.94 20.74
CA PRO A 283 -16.37 16.87 21.83
C PRO A 283 -15.35 17.90 21.34
N PHE A 287 -13.42 13.04 20.41
CA PHE A 287 -12.74 13.51 19.20
C PHE A 287 -11.77 14.65 19.47
N LEU A 288 -11.13 14.66 20.66
CA LEU A 288 -10.18 15.70 21.03
C LEU A 288 -8.74 15.22 21.16
N CYS A 289 -7.80 16.12 20.86
CA CYS A 289 -6.35 15.93 20.90
C CYS A 289 -5.75 16.38 22.23
N GLU A 290 -4.52 15.92 22.51
CA GLU A 290 -3.73 16.36 23.68
C GLU A 290 -2.56 17.14 23.07
N PRO A 291 -2.50 18.49 23.19
CA PRO A 291 -1.37 19.25 22.58
C PRO A 291 0.01 18.80 23.07
N PRO A 292 1.16 19.13 22.41
CA PRO A 292 2.48 18.67 22.91
C PRO A 292 2.90 19.24 24.26
N LEU A 293 3.57 18.40 25.09
CA LEU A 293 4.00 18.74 26.44
C LEU A 293 5.31 18.02 26.72
N ILE A 294 6.37 18.80 26.97
CA ILE A 294 7.72 18.29 27.21
C ILE A 294 7.84 17.71 28.62
N THR A 295 7.60 16.40 28.75
CA THR A 295 7.69 15.70 30.04
C THR A 295 9.14 15.70 30.56
N ARG A 296 10.11 15.33 29.70
CA ARG A 296 11.52 15.29 30.07
C ARG A 296 12.39 16.15 29.17
N HIS A 297 13.40 16.79 29.76
CA HIS A 297 14.33 17.65 29.02
C HIS A 297 15.75 17.53 29.56
N THR A 298 16.74 17.80 28.69
CA THR A 298 18.14 17.72 29.06
C THR A 298 18.45 18.73 30.15
N HIS A 299 19.05 18.23 31.24
CA HIS A 299 19.51 19.01 32.39
C HIS A 299 20.50 20.03 31.82
N GLU A 300 20.43 21.30 32.29
CA GLU A 300 21.31 22.38 31.82
C GLU A 300 22.76 21.91 31.99
N MET A 301 23.50 21.87 30.87
CA MET A 301 24.90 21.43 30.85
C MET A 301 25.81 22.47 30.23
N ARG A 302 27.05 22.54 30.73
CA ARG A 302 28.10 23.46 30.26
C ARG A 302 28.73 22.96 28.97
N VAL A 303 28.88 21.62 28.84
CA VAL A 303 29.49 20.93 27.70
C VAL A 303 31.02 21.08 27.72
N LEU A 304 31.69 20.43 26.76
CA LEU A 304 33.16 20.43 26.63
C LEU A 304 33.54 20.58 25.13
N GLU A 305 34.78 20.99 24.86
CA GLU A 305 35.28 21.13 23.50
C GLU A 305 35.76 19.75 23.00
N GLY A 306 35.30 19.37 21.82
CA GLY A 306 35.64 18.09 21.22
C GLY A 306 34.82 16.94 21.77
N GLN A 307 33.48 17.09 21.77
CA GLN A 307 32.53 16.07 22.21
C GLN A 307 31.25 16.16 21.45
N ARG A 308 30.78 15.01 21.02
CA ARG A 308 29.52 14.84 20.31
C ARG A 308 28.36 14.94 21.33
N ALA A 309 28.02 16.19 21.71
CA ALA A 309 26.98 16.52 22.69
C ALA A 309 25.58 16.03 22.27
N THR A 310 24.99 15.17 23.12
CA THR A 310 23.66 14.60 22.91
C THR A 310 22.67 15.22 23.87
N LEU A 311 21.68 15.97 23.34
CA LEU A 311 20.64 16.62 24.14
C LEU A 311 19.29 15.99 23.77
N ARG A 312 18.71 15.22 24.70
CA ARG A 312 17.42 14.54 24.52
C ARG A 312 16.23 15.42 24.90
N CYS A 313 15.17 15.36 24.07
CA CYS A 313 13.94 16.12 24.26
C CYS A 313 12.73 15.20 24.17
N LYS A 314 12.11 14.90 25.32
CA LYS A 314 10.97 14.00 25.42
C LYS A 314 9.68 14.78 25.54
N ALA A 315 8.72 14.54 24.63
CA ALA A 315 7.43 15.20 24.65
C ALA A 315 6.28 14.27 24.31
N ARG A 316 5.24 14.29 25.15
CA ARG A 316 4.02 13.48 25.02
C ARG A 316 2.90 14.28 24.39
N GLY A 317 2.07 13.61 23.60
CA GLY A 317 0.95 14.25 22.91
C GLY A 317 0.08 13.26 22.14
N ASP A 318 -1.01 13.78 21.57
CA ASP A 318 -1.98 13.02 20.79
C ASP A 318 -2.41 13.89 19.59
N PRO A 319 -1.82 13.70 18.38
CA PRO A 319 -0.80 12.72 17.99
C PRO A 319 0.59 13.06 18.52
N GLU A 320 1.54 12.12 18.44
CA GLU A 320 2.90 12.37 18.90
C GLU A 320 3.51 13.61 18.22
N PRO A 321 4.05 14.55 19.02
CA PRO A 321 4.56 15.78 18.44
C PRO A 321 5.84 15.59 17.63
N ALA A 322 6.08 16.54 16.72
CA ALA A 322 7.28 16.56 15.89
C ALA A 322 8.30 17.45 16.59
N ILE A 323 9.38 16.82 17.07
CA ILE A 323 10.44 17.53 17.79
C ILE A 323 11.36 18.22 16.79
N HIS A 324 11.46 19.54 16.90
CA HIS A 324 12.31 20.33 16.04
C HIS A 324 13.29 21.11 16.90
N TRP A 325 14.51 21.32 16.39
CA TRP A 325 15.57 22.00 17.14
C TRP A 325 15.94 23.37 16.59
N ILE A 326 16.30 24.30 17.50
CA ILE A 326 16.68 25.68 17.19
C ILE A 326 17.95 26.11 17.94
N SER A 327 18.98 26.53 17.18
CA SER A 327 20.25 27.04 17.71
C SER A 327 20.02 28.49 18.18
N PRO A 328 20.83 29.04 19.13
CA PRO A 328 20.60 30.44 19.56
C PRO A 328 20.64 31.43 18.38
N GLU A 329 19.42 31.89 17.98
CA GLU A 329 19.14 32.78 16.85
C GLU A 329 19.45 32.10 15.48
N GLY A 330 18.68 31.05 15.18
CA GLY A 330 18.80 30.27 13.96
C GLY A 330 18.20 28.88 14.03
N LYS A 331 17.29 28.54 13.10
CA LYS A 331 16.62 27.23 13.03
C LYS A 331 17.55 26.12 12.51
N LEU A 332 17.25 24.84 12.83
CA LEU A 332 18.08 23.69 12.41
C LEU A 332 17.41 22.76 11.41
N ILE A 333 18.23 21.98 10.67
CA ILE A 333 17.79 21.03 9.65
C ILE A 333 18.43 19.64 9.84
N LEU A 340 23.81 15.85 13.21
CA LEU A 340 22.41 15.94 12.77
C LEU A 340 21.41 15.56 13.90
N VAL A 341 20.12 15.43 13.54
CA VAL A 341 18.99 15.11 14.45
C VAL A 341 18.62 13.62 14.51
N TYR A 342 17.73 13.27 15.46
CA TYR A 342 17.22 11.91 15.66
C TYR A 342 15.69 11.92 15.73
N ASP A 343 15.05 10.90 15.10
CA ASP A 343 13.60 10.68 15.02
C ASP A 343 12.91 10.79 16.39
N ASN A 344 13.52 10.18 17.43
CA ASN A 344 13.06 10.18 18.83
C ASN A 344 12.80 11.63 19.30
N GLY A 345 13.78 12.48 19.05
CA GLY A 345 13.77 13.89 19.41
C GLY A 345 15.03 14.27 20.15
N THR A 346 16.20 13.92 19.56
CA THR A 346 17.51 14.17 20.15
C THR A 346 18.46 14.77 19.11
N LEU A 347 19.36 15.66 19.57
CA LEU A 347 20.36 16.32 18.74
C LEU A 347 21.75 15.79 19.05
N ASP A 348 22.59 15.64 18.00
CA ASP A 348 23.97 15.16 18.13
C ASP A 348 24.85 15.71 17.00
N ILE A 349 25.82 16.55 17.37
CA ILE A 349 26.78 17.17 16.44
C ILE A 349 28.19 17.12 17.04
N LEU A 350 29.16 16.60 16.28
CA LEU A 350 30.54 16.41 16.72
C LEU A 350 31.35 17.70 16.89
N ILE A 351 32.25 17.69 17.89
CA ILE A 351 33.25 18.70 18.29
C ILE A 351 32.67 19.87 19.15
N THR A 352 31.33 20.01 19.25
CA THR A 352 30.64 21.04 20.05
C THR A 352 31.21 22.47 19.89
N THR A 353 31.38 22.95 18.63
CA THR A 353 31.94 24.29 18.33
C THR A 353 31.40 25.33 19.32
N VAL A 354 32.34 26.05 19.97
CA VAL A 354 32.12 27.12 20.95
C VAL A 354 31.39 28.33 20.33
N LYS A 355 31.36 28.40 18.96
CA LYS A 355 30.70 29.44 18.17
C LYS A 355 29.21 29.48 18.49
N ASP A 356 28.61 28.30 18.71
CA ASP A 356 27.20 28.15 19.05
C ASP A 356 27.03 27.27 20.30
N THR A 357 27.37 27.84 21.47
CA THR A 357 27.24 27.22 22.79
C THR A 357 26.40 28.18 23.64
N GLY A 358 25.19 28.43 23.19
CA GLY A 358 24.28 29.32 23.90
C GLY A 358 23.02 28.61 24.32
N ALA A 359 21.91 29.32 24.23
CA ALA A 359 20.60 28.79 24.57
C ALA A 359 20.00 28.03 23.39
N PHE A 360 19.87 26.70 23.54
CA PHE A 360 19.28 25.81 22.55
C PHE A 360 17.82 25.57 22.90
N THR A 361 16.91 25.82 21.94
CA THR A 361 15.47 25.65 22.13
C THR A 361 14.93 24.43 21.37
N CYS A 362 14.08 23.65 22.04
CA CYS A 362 13.44 22.44 21.52
C CYS A 362 11.94 22.68 21.36
N ILE A 363 11.40 22.47 20.14
CA ILE A 363 9.98 22.70 19.83
C ILE A 363 9.22 21.40 19.52
N ALA A 364 8.20 21.10 20.34
CA ALA A 364 7.31 19.97 20.18
C ALA A 364 6.03 20.52 19.54
N SER A 365 5.53 19.88 18.48
CA SER A 365 4.36 20.38 17.76
C SER A 365 3.52 19.33 17.07
N ASN A 366 2.20 19.50 17.16
CA ASN A 366 1.19 18.66 16.51
C ASN A 366 0.00 19.56 16.07
N PRO A 367 -1.10 19.08 15.41
CA PRO A 367 -2.16 20.02 14.98
C PRO A 367 -2.81 20.84 16.09
N ALA A 368 -2.87 20.29 17.33
CA ALA A 368 -3.43 20.93 18.51
C ALA A 368 -2.63 22.16 19.03
N GLY A 369 -1.40 22.34 18.54
CA GLY A 369 -0.56 23.47 18.94
C GLY A 369 0.90 23.13 19.14
N GLU A 370 1.61 24.03 19.86
CA GLU A 370 3.05 23.95 20.12
C GLU A 370 3.44 23.86 21.62
N ALA A 371 4.74 23.56 21.88
CA ALA A 371 5.39 23.46 23.19
C ALA A 371 6.88 23.76 23.05
N THR A 372 7.41 24.58 23.97
CA THR A 372 8.79 25.08 23.97
C THR A 372 9.53 24.77 25.29
N GLN A 373 10.83 24.40 25.19
CA GLN A 373 11.73 24.15 26.33
C GLN A 373 13.19 24.39 25.93
N THR A 374 13.90 25.19 26.75
CA THR A 374 15.29 25.60 26.54
C THR A 374 16.28 24.71 27.32
N VAL A 375 17.49 24.53 26.75
CA VAL A 375 18.60 23.75 27.31
C VAL A 375 19.92 24.53 27.15
N ASP A 376 20.67 24.69 28.27
CA ASP A 376 21.94 25.45 28.31
C ASP A 376 23.11 24.73 27.63
N LEU A 377 24.16 25.52 27.31
CA LEU A 377 25.43 25.10 26.71
C LEU A 377 26.41 26.27 26.94
N HIS A 378 27.52 26.06 27.69
CA HIS A 378 28.50 27.13 27.97
C HIS A 378 29.91 26.59 28.23
#